data_1LO4
#
_entry.id   1LO4
#
_cell.length_a   48.703
_cell.length_b   80.355
_cell.length_c   125.103
_cell.angle_alpha   90.00
_cell.angle_beta   90.00
_cell.angle_gamma   90.00
#
_symmetry.space_group_name_H-M   'P 21 21 21'
#
loop_
_entity.id
_entity.type
_entity.pdbx_description
1 polymer 'If kappa light chain'
2 polymer 'Ig gamma 2a heavy chain'
3 water water
#
loop_
_entity_poly.entity_id
_entity_poly.type
_entity_poly.pdbx_seq_one_letter_code
_entity_poly.pdbx_strand_id
1 'polypeptide(L)'
;DVLLTQTPLSLPVSLGDQASISCRSSQTIVHTNGNTYFEWYLQKPGQSPHLLIYKVSNRLSGVPDRFSGSGSGTDFTLKI
SRVEAEDLGLYYCFQGSHSPWTFGGGTKLELKRADAAPTVSIFPPSSEQLTSGGASVVCFLNNFYPKDINVKWKIDGSER
QNGVLNSWTDQDSKDSTYSMSSTLTLTKDEYERHNSYTCEATHKTSTSPIVKSFNRN
;
L
2 'polypeptide(L)'
;ELKLVETGGDLVKPGGSLTLSCEASGFTLRTYGMSWVRQTPQMRLEWVASISYGGLLYFSDSVKGRFTISRDIVRNILTL
QMSRLRSEDTAIYYCARGTSFVRYFDVWGAGTTVTVSSAKTTAPSVYPLAPVCGDTTGSSVTLGCLVKGYFPEPVTLTWN
SGSLSSGVHTFPAVLQSDLYTLSSSVTVTSSTWPSQSITCNVAHPASSTQVDKKIVPRAA
;
H
#
# COMPACT_ATOMS: atom_id res chain seq x y z
N ASP A 1 21.29 20.45 1.99
CA ASP A 1 19.97 19.89 1.57
C ASP A 1 18.81 20.74 2.00
N VAL A 2 18.03 21.21 1.05
CA VAL A 2 16.76 21.87 1.36
C VAL A 2 15.80 20.91 1.99
N LEU A 3 15.44 21.14 3.24
CA LEU A 3 14.34 20.37 3.79
C LEU A 3 12.92 20.98 3.55
N LEU A 4 11.93 20.12 3.48
CA LEU A 4 10.58 20.53 3.14
C LEU A 4 9.77 19.98 4.25
N THR A 5 9.14 20.87 4.98
CA THR A 5 8.31 20.46 6.10
C THR A 5 6.87 20.56 5.61
N GLN A 6 6.15 19.43 5.57
CA GLN A 6 4.75 19.50 5.25
C GLN A 6 4.06 19.81 6.50
N THR A 7 2.91 20.46 6.38
CA THR A 7 2.04 20.75 7.52
C THR A 7 0.73 20.56 6.83
N PRO A 8 -0.32 20.08 7.45
CA PRO A 8 -0.53 18.95 8.34
C PRO A 8 -0.14 17.58 7.98
N LEU A 9 0.30 16.90 9.02
CA LEU A 9 0.74 15.54 8.90
C LEU A 9 -0.48 14.72 8.54
N SER A 10 -1.59 15.00 9.19
CA SER A 10 -2.81 14.32 8.82
C SER A 10 -3.82 15.38 8.65
N LEU A 11 -4.56 15.31 7.57
CA LEU A 11 -5.61 16.25 7.38
C LEU A 11 -6.99 15.64 7.25
N PRO A 12 -7.74 15.58 8.34
CA PRO A 12 -9.14 15.16 8.28
C PRO A 12 -9.99 16.24 7.66
N VAL A 13 -10.81 15.92 6.67
CA VAL A 13 -11.83 16.89 6.23
C VAL A 13 -13.11 16.22 5.81
N SER A 14 -14.24 16.80 6.20
CA SER A 14 -15.52 16.40 5.62
C SER A 14 -15.52 16.66 4.11
N LEU A 15 -16.32 15.88 3.38
CA LEU A 15 -16.54 16.12 1.95
C LEU A 15 -17.22 17.47 1.75
N GLY A 16 -17.09 18.03 0.56
CA GLY A 16 -17.58 19.38 0.28
C GLY A 16 -16.64 20.52 0.66
N ASP A 17 -15.91 20.34 1.76
CA ASP A 17 -15.00 21.37 2.23
C ASP A 17 -13.76 21.59 1.34
N GLN A 18 -12.92 22.48 1.82
CA GLN A 18 -11.72 22.85 1.13
C GLN A 18 -10.62 22.33 2.01
N ALA A 19 -9.51 21.99 1.40
CA ALA A 19 -8.35 21.50 2.12
C ALA A 19 -7.16 22.35 1.72
N SER A 20 -6.38 22.80 2.70
CA SER A 20 -5.11 23.39 2.37
C SER A 20 -3.98 22.57 2.90
N ILE A 21 -2.96 22.39 2.08
CA ILE A 21 -1.81 21.70 2.55
C ILE A 21 -0.65 22.61 2.35
N SER A 22 0.20 22.69 3.38
CA SER A 22 1.29 23.62 3.35
C SER A 22 2.63 22.92 3.25
N CYS A 23 3.57 23.59 2.61
CA CYS A 23 4.91 23.08 2.62
C CYS A 23 5.86 24.23 2.71
N ARG A 24 6.75 24.16 3.72
CA ARG A 24 7.71 25.23 3.98
C ARG A 24 9.10 24.64 3.66
N SER A 25 9.98 25.44 3.07
CA SER A 25 11.34 24.96 2.79
C SER A 25 12.37 25.65 3.71
N SER A 26 13.49 24.98 3.96
CA SER A 26 14.52 25.49 4.89
C SER A 26 15.32 26.62 4.29
N GLN A 27 15.38 26.70 2.98
CA GLN A 27 16.06 27.81 2.37
C GLN A 27 15.28 28.20 1.12
N THR A 28 15.65 29.32 0.50
CA THR A 28 15.09 29.68 -0.79
C THR A 28 15.21 28.51 -1.77
N ILE A 29 14.40 28.50 -2.82
CA ILE A 29 14.45 27.41 -3.80
C ILE A 29 14.14 27.92 -5.17
N VAL A 30 14.86 28.96 -5.55
CA VAL A 30 14.91 29.39 -6.94
C VAL A 30 16.12 28.79 -7.63
N HIS A 31 15.91 28.06 -8.72
CA HIS A 31 17.00 27.52 -9.56
C HIS A 31 17.80 28.70 -10.14
N THR A 32 19.13 28.54 -10.20
CA THR A 32 19.99 29.54 -10.83
C THR A 32 19.35 30.08 -12.11
N ASN A 33 18.71 29.19 -12.86
CA ASN A 33 18.28 29.62 -14.20
C ASN A 33 17.00 30.35 -14.06
N GLY A 34 16.54 30.57 -12.82
CA GLY A 34 15.44 31.48 -12.59
C GLY A 34 14.07 30.85 -12.31
N ASN A 35 13.97 29.55 -12.56
CA ASN A 35 12.70 28.86 -12.33
C ASN A 35 12.61 28.37 -10.90
N THR A 36 11.39 28.18 -10.43
CA THR A 36 11.18 27.54 -9.12
C THR A 36 10.52 26.21 -9.31
N TYR A 37 11.31 25.15 -9.23
CA TYR A 37 10.83 23.81 -9.58
C TYR A 37 10.22 23.13 -8.39
N PHE A 38 9.01 23.58 -8.08
CA PHE A 38 8.34 23.12 -6.88
C PHE A 38 7.12 22.39 -7.36
N GLU A 39 6.98 21.18 -6.88
CA GLU A 39 5.93 20.31 -7.38
C GLU A 39 5.05 19.69 -6.30
N TRP A 40 3.85 19.29 -6.68
CA TRP A 40 2.94 18.66 -5.74
C TRP A 40 2.55 17.38 -6.40
N TYR A 41 2.60 16.28 -5.62
CA TYR A 41 2.26 14.91 -6.03
C TYR A 41 1.22 14.31 -5.06
N LEU A 42 0.45 13.38 -5.62
CA LEU A 42 -0.58 12.72 -4.90
C LEU A 42 -0.44 11.22 -5.20
N GLN A 43 -0.57 10.41 -4.16
CA GLN A 43 -0.52 8.99 -4.35
C GLN A 43 -1.81 8.47 -3.75
N LYS A 44 -2.64 7.88 -4.60
CA LYS A 44 -3.77 7.14 -4.09
C LYS A 44 -3.41 5.73 -3.65
N PRO A 45 -4.17 5.24 -2.69
CA PRO A 45 -3.94 3.93 -2.07
C PRO A 45 -3.81 2.93 -3.18
N GLY A 46 -2.84 2.04 -3.12
CA GLY A 46 -2.66 1.05 -4.19
C GLY A 46 -2.07 1.57 -5.51
N GLN A 47 -2.02 2.89 -5.72
CA GLN A 47 -1.47 3.42 -6.98
C GLN A 47 -0.06 4.04 -6.90
N SER A 48 0.49 4.39 -8.04
CA SER A 48 1.72 5.18 -8.02
C SER A 48 1.37 6.62 -7.71
N PRO A 49 2.33 7.40 -7.21
CA PRO A 49 2.23 8.88 -7.19
C PRO A 49 1.95 9.42 -8.58
N HIS A 50 1.30 10.57 -8.70
CA HIS A 50 1.24 11.31 -9.95
C HIS A 50 1.34 12.82 -9.74
N LEU A 51 1.83 13.52 -10.76
CA LEU A 51 1.97 14.97 -10.72
C LEU A 51 0.65 15.74 -10.65
N LEU A 52 0.58 16.81 -9.86
CA LEU A 52 -0.65 17.60 -9.76
C LEU A 52 -0.28 18.99 -10.21
N ILE A 53 0.63 19.62 -9.47
CA ILE A 53 1.09 20.94 -9.85
C ILE A 53 2.57 20.95 -10.11
N TYR A 54 3.02 21.64 -11.16
CA TYR A 54 4.45 21.85 -11.36
C TYR A 54 4.81 23.35 -11.45
N LYS A 55 6.08 23.67 -11.32
CA LYS A 55 6.48 25.09 -11.12
C LYS A 55 5.57 25.91 -10.23
N VAL A 56 5.44 25.49 -8.97
CA VAL A 56 4.62 26.23 -8.04
C VAL A 56 3.13 26.24 -8.33
N SER A 57 2.71 26.60 -9.54
CA SER A 57 1.27 26.79 -9.78
C SER A 57 0.66 26.30 -11.10
N ASN A 58 1.41 25.55 -11.88
CA ASN A 58 0.84 25.07 -13.14
C ASN A 58 0.26 23.67 -12.95
N ARG A 59 -1.07 23.60 -12.98
CA ARG A 59 -1.82 22.37 -12.90
C ARG A 59 -1.49 21.53 -14.14
N LEU A 60 -1.26 20.23 -13.97
CA LEU A 60 -0.95 19.35 -15.09
C LEU A 60 -2.21 18.99 -15.81
N SER A 61 -2.25 19.13 -17.13
CA SER A 61 -3.51 18.84 -17.81
C SER A 61 -3.89 17.40 -17.56
N GLY A 62 -5.17 17.22 -17.28
CA GLY A 62 -5.73 15.97 -16.83
C GLY A 62 -6.17 16.11 -15.38
N VAL A 63 -5.50 16.99 -14.65
CA VAL A 63 -5.77 17.22 -13.22
C VAL A 63 -7.00 18.10 -13.08
N PRO A 64 -7.96 17.69 -12.25
CA PRO A 64 -9.17 18.47 -11.96
C PRO A 64 -8.98 19.90 -11.43
N ASP A 65 -10.00 20.70 -11.78
CA ASP A 65 -10.04 22.17 -11.69
C ASP A 65 -9.66 22.61 -10.29
N ARG A 66 -10.15 21.83 -9.32
CA ARG A 66 -10.27 22.25 -7.94
C ARG A 66 -8.94 22.18 -7.16
N PHE A 67 -7.83 21.94 -7.86
CA PHE A 67 -6.51 21.81 -7.26
C PHE A 67 -5.69 23.02 -7.69
N SER A 68 -5.21 23.83 -6.76
CA SER A 68 -4.34 24.91 -7.15
C SER A 68 -3.05 25.00 -6.36
N GLY A 69 -2.03 25.55 -6.98
CA GLY A 69 -0.71 25.64 -6.36
C GLY A 69 -0.40 27.11 -6.14
N SER A 70 0.29 27.44 -5.06
CA SER A 70 0.70 28.83 -4.88
C SER A 70 1.88 29.04 -3.94
N GLY A 71 2.35 30.28 -3.87
CA GLY A 71 3.32 30.70 -2.87
C GLY A 71 4.61 31.20 -3.48
N SER A 72 5.62 31.40 -2.65
CA SER A 72 6.89 31.89 -3.09
C SER A 72 7.85 31.92 -1.88
N GLY A 73 9.14 32.16 -2.13
CA GLY A 73 9.97 32.42 -1.00
C GLY A 73 10.32 31.09 -0.41
N THR A 74 9.84 30.85 0.78
CA THR A 74 9.84 29.51 1.34
C THR A 74 8.48 28.98 1.73
N ASP A 75 7.39 29.63 1.33
CA ASP A 75 6.08 29.14 1.74
C ASP A 75 5.18 28.74 0.59
N PHE A 76 4.73 27.50 0.61
CA PHE A 76 3.96 26.93 -0.48
C PHE A 76 2.78 26.15 -0.01
N THR A 77 1.71 26.31 -0.77
CA THR A 77 0.38 25.83 -0.45
C THR A 77 -0.31 25.17 -1.62
N LEU A 78 -0.79 23.96 -1.39
CA LEU A 78 -1.66 23.25 -2.30
C LEU A 78 -3.07 23.43 -1.77
N LYS A 79 -3.96 23.90 -2.61
CA LYS A 79 -5.32 23.96 -2.16
C LYS A 79 -6.32 23.08 -2.95
N ILE A 80 -7.26 22.51 -2.20
CA ILE A 80 -8.28 21.62 -2.73
C ILE A 80 -9.63 22.32 -2.53
N SER A 81 -10.32 22.63 -3.61
CA SER A 81 -11.62 23.22 -3.43
C SER A 81 -12.54 22.02 -3.50
N ARG A 82 -13.59 22.03 -2.69
CA ARG A 82 -14.59 21.00 -2.90
C ARG A 82 -13.89 19.66 -2.83
N VAL A 83 -13.50 19.22 -1.64
CA VAL A 83 -12.90 17.89 -1.49
C VAL A 83 -13.87 16.79 -1.95
N GLU A 84 -13.39 15.86 -2.78
CA GLU A 84 -14.16 14.66 -3.14
C GLU A 84 -13.57 13.45 -2.42
N ALA A 85 -14.10 12.26 -2.66
CA ALA A 85 -13.64 11.12 -1.87
C ALA A 85 -12.44 10.47 -2.56
N GLU A 86 -12.43 10.57 -3.88
CA GLU A 86 -11.35 10.15 -4.72
C GLU A 86 -10.08 11.01 -4.51
N ASP A 87 -10.14 12.06 -3.67
CA ASP A 87 -8.93 12.87 -3.40
C ASP A 87 -8.11 12.32 -2.23
N LEU A 88 -8.60 11.29 -1.57
CA LEU A 88 -7.97 10.76 -0.36
C LEU A 88 -6.58 10.27 -0.79
N GLY A 89 -5.62 10.29 0.12
CA GLY A 89 -4.33 9.67 -0.18
C GLY A 89 -3.17 10.41 0.42
N LEU A 90 -1.99 10.23 -0.18
CA LEU A 90 -0.78 10.86 0.32
C LEU A 90 -0.38 12.04 -0.56
N TYR A 91 -0.22 13.24 0.03
CA TYR A 91 0.21 14.42 -0.72
C TYR A 91 1.70 14.74 -0.47
N TYR A 92 2.47 14.91 -1.54
CA TYR A 92 3.87 15.17 -1.36
C TYR A 92 4.24 16.40 -2.10
N CYS A 93 5.06 17.21 -1.42
CA CYS A 93 5.78 18.30 -2.08
C CYS A 93 7.19 17.94 -2.55
N PHE A 94 7.74 18.65 -3.53
CA PHE A 94 9.05 18.29 -4.03
C PHE A 94 9.69 19.50 -4.60
N GLN A 95 11.00 19.62 -4.47
CA GLN A 95 11.66 20.74 -5.12
C GLN A 95 12.78 20.20 -5.98
N GLY A 96 12.95 20.75 -7.17
CA GLY A 96 14.05 20.33 -8.00
C GLY A 96 15.00 21.46 -8.29
N SER A 97 15.09 22.39 -7.33
CA SER A 97 15.83 23.62 -7.52
C SER A 97 17.28 23.46 -7.13
N HIS A 98 17.55 22.77 -6.01
CA HIS A 98 18.92 22.66 -5.47
C HIS A 98 19.23 21.17 -5.25
N SER A 99 20.30 20.66 -5.85
CA SER A 99 20.70 19.29 -5.64
C SER A 99 21.25 19.26 -4.24
N PRO A 100 21.05 18.14 -3.57
CA PRO A 100 20.20 17.03 -4.08
C PRO A 100 18.67 17.18 -3.91
N TRP A 101 17.92 16.85 -4.93
CA TRP A 101 16.50 17.12 -4.93
C TRP A 101 15.75 16.45 -3.75
N THR A 102 14.66 17.03 -3.29
CA THR A 102 14.08 16.48 -2.07
C THR A 102 12.58 16.52 -2.01
N PHE A 103 12.00 15.59 -1.24
CA PHE A 103 10.54 15.48 -1.09
C PHE A 103 10.21 15.89 0.30
N GLY A 104 9.00 16.43 0.53
CA GLY A 104 8.46 16.61 1.88
C GLY A 104 7.98 15.26 2.42
N GLY A 105 7.70 15.18 3.71
CA GLY A 105 7.34 13.91 4.34
C GLY A 105 5.92 13.49 4.04
N GLY A 106 5.10 14.35 3.43
CA GLY A 106 3.78 13.89 3.04
C GLY A 106 2.65 14.26 3.97
N THR A 107 1.44 14.29 3.43
CA THR A 107 0.34 14.66 4.26
C THR A 107 -0.75 13.75 3.86
N LYS A 108 -1.33 13.06 4.84
CA LYS A 108 -2.39 12.08 4.53
C LYS A 108 -3.70 12.80 4.60
N LEU A 109 -4.41 12.81 3.49
CA LEU A 109 -5.68 13.46 3.48
C LEU A 109 -6.71 12.39 3.80
N GLU A 110 -7.45 12.52 4.90
CA GLU A 110 -8.51 11.57 5.23
C GLU A 110 -9.92 12.11 5.15
N LEU A 111 -10.82 11.32 4.58
CA LEU A 111 -12.20 11.77 4.55
C LEU A 111 -12.91 11.82 5.91
N LYS A 112 -13.85 12.73 6.07
CA LYS A 112 -14.56 12.81 7.34
C LYS A 112 -16.02 12.56 7.03
N ARG A 113 -16.54 11.46 7.52
CA ARG A 113 -17.85 10.98 7.12
C ARG A 113 -18.58 10.60 8.38
N ALA A 114 -19.81 10.13 8.24
CA ALA A 114 -20.62 9.74 9.40
C ALA A 114 -20.11 8.46 10.05
N ASP A 115 -20.44 8.28 11.32
CA ASP A 115 -19.99 7.12 12.00
C ASP A 115 -20.64 5.95 11.35
N ALA A 116 -19.95 4.84 11.36
CA ALA A 116 -20.52 3.65 10.80
C ALA A 116 -19.91 2.51 11.58
N ALA A 117 -20.73 1.52 11.92
CA ALA A 117 -20.32 0.38 12.74
C ALA A 117 -19.62 -0.69 11.91
N PRO A 118 -18.65 -1.36 12.51
CA PRO A 118 -17.99 -2.51 11.87
C PRO A 118 -18.94 -3.69 11.69
N THR A 119 -18.75 -4.41 10.60
CA THR A 119 -19.35 -5.68 10.39
C THR A 119 -18.27 -6.69 10.72
N VAL A 120 -18.56 -7.53 11.69
CA VAL A 120 -17.56 -8.39 12.24
C VAL A 120 -17.89 -9.81 11.88
N SER A 121 -16.89 -10.59 11.58
CA SER A 121 -17.15 -11.98 11.26
C SER A 121 -15.96 -12.73 11.77
N ILE A 122 -16.11 -14.01 12.09
CA ILE A 122 -14.99 -14.68 12.73
C ILE A 122 -14.73 -16.02 12.10
N PHE A 123 -13.48 -16.42 12.05
CA PHE A 123 -13.17 -17.68 11.44
C PHE A 123 -12.27 -18.57 12.25
N PRO A 124 -12.81 -19.74 12.56
CA PRO A 124 -12.01 -20.86 13.07
C PRO A 124 -10.92 -21.24 12.10
N PRO A 125 -9.87 -21.87 12.61
CA PRO A 125 -8.81 -22.41 11.75
C PRO A 125 -9.43 -23.37 10.74
N SER A 126 -8.87 -23.35 9.55
CA SER A 126 -9.26 -24.30 8.53
C SER A 126 -8.65 -25.69 8.82
N SER A 127 -9.38 -26.72 8.42
CA SER A 127 -8.84 -28.06 8.34
C SER A 127 -7.41 -28.15 7.82
N GLU A 128 -7.08 -27.48 6.71
CA GLU A 128 -5.72 -27.66 6.23
C GLU A 128 -4.72 -27.19 7.28
N GLN A 129 -4.97 -26.05 7.88
CA GLN A 129 -3.98 -25.52 8.81
C GLN A 129 -3.87 -26.41 10.04
N LEU A 130 -4.95 -27.02 10.50
CA LEU A 130 -4.85 -27.78 11.74
C LEU A 130 -3.94 -28.91 11.38
N THR A 131 -4.21 -29.50 10.24
CA THR A 131 -3.40 -30.62 9.84
C THR A 131 -1.91 -30.33 10.09
N SER A 132 -1.48 -29.10 9.89
CA SER A 132 -0.06 -28.84 9.89
C SER A 132 0.44 -28.48 11.28
N GLY A 133 -0.47 -28.40 12.24
CA GLY A 133 -0.06 -28.14 13.59
C GLY A 133 -0.27 -26.69 13.93
N GLY A 134 -0.92 -25.94 13.05
CA GLY A 134 -1.06 -24.52 13.28
C GLY A 134 -2.50 -24.20 13.55
N ALA A 135 -2.78 -23.07 14.21
CA ALA A 135 -4.17 -22.69 14.40
C ALA A 135 -4.43 -21.18 14.44
N SER A 136 -5.06 -20.68 13.39
CA SER A 136 -5.14 -19.25 13.28
C SER A 136 -6.59 -18.93 13.28
N VAL A 137 -7.03 -18.10 14.20
CA VAL A 137 -8.43 -17.73 14.15
C VAL A 137 -8.47 -16.33 13.59
N VAL A 138 -9.44 -16.05 12.73
CA VAL A 138 -9.43 -14.75 12.07
C VAL A 138 -10.65 -13.95 12.34
N CYS A 139 -10.47 -12.63 12.42
CA CYS A 139 -11.55 -11.71 12.56
C CYS A 139 -11.50 -10.47 11.71
N PHE A 140 -12.55 -10.26 10.95
CA PHE A 140 -12.63 -9.08 10.13
C PHE A 140 -13.57 -8.15 10.78
N LEU A 141 -13.16 -6.90 10.81
CA LEU A 141 -14.02 -5.79 11.25
C LEU A 141 -14.08 -4.83 10.05
N ASN A 142 -15.20 -4.86 9.33
CA ASN A 142 -15.26 -4.28 8.00
C ASN A 142 -16.18 -3.11 7.86
N ASN A 143 -15.71 -2.09 7.12
CA ASN A 143 -16.47 -0.90 6.74
C ASN A 143 -16.89 -0.10 7.93
N PHE A 144 -15.94 0.41 8.68
CA PHE A 144 -16.35 1.14 9.84
C PHE A 144 -15.75 2.51 9.86
N TYR A 145 -16.26 3.34 10.76
CA TYR A 145 -15.76 4.67 10.94
C TYR A 145 -16.19 5.19 12.31
N PRO A 146 -15.32 5.92 13.00
CA PRO A 146 -13.97 6.24 12.51
C PRO A 146 -12.93 5.11 12.63
N LYS A 147 -11.68 5.45 12.30
CA LYS A 147 -10.60 4.44 12.20
C LYS A 147 -10.28 3.82 13.55
N ASP A 148 -10.39 4.60 14.61
CA ASP A 148 -9.94 4.13 15.94
C ASP A 148 -10.81 2.95 16.39
N ILE A 149 -10.22 1.83 16.75
CA ILE A 149 -11.03 0.69 17.10
C ILE A 149 -10.21 -0.17 18.00
N ASN A 150 -10.85 -0.78 18.98
CA ASN A 150 -10.09 -1.69 19.81
C ASN A 150 -10.57 -3.13 19.71
N VAL A 151 -9.62 -4.05 19.60
CA VAL A 151 -9.96 -5.46 19.49
C VAL A 151 -9.19 -6.32 20.49
N LYS A 152 -9.89 -7.16 21.21
CA LYS A 152 -9.22 -8.14 22.05
C LYS A 152 -9.74 -9.56 21.76
N TRP A 153 -8.86 -10.55 21.92
CA TRP A 153 -9.25 -11.94 21.86
C TRP A 153 -9.42 -12.52 23.25
N LYS A 154 -10.53 -13.23 23.42
CA LYS A 154 -10.80 -14.03 24.61
C LYS A 154 -10.75 -15.53 24.32
N ILE A 155 -9.97 -16.27 25.10
CA ILE A 155 -10.13 -17.72 25.12
C ILE A 155 -10.73 -18.22 26.42
N ASP A 156 -11.86 -18.90 26.27
CA ASP A 156 -12.67 -19.38 27.40
C ASP A 156 -12.83 -18.24 28.41
N GLY A 157 -13.37 -17.12 27.91
CA GLY A 157 -13.56 -15.93 28.72
C GLY A 157 -12.27 -15.16 28.94
N SER A 158 -11.17 -15.86 29.23
CA SER A 158 -9.92 -15.20 29.62
C SER A 158 -9.22 -14.59 28.42
N GLU A 159 -8.74 -13.36 28.57
CA GLU A 159 -8.07 -12.67 27.49
C GLU A 159 -6.75 -13.33 27.10
N ARG A 160 -6.30 -13.04 25.89
CA ARG A 160 -5.09 -13.64 25.34
C ARG A 160 -4.43 -12.60 24.46
N GLN A 161 -3.20 -12.24 24.80
CA GLN A 161 -2.55 -11.11 24.16
C GLN A 161 -1.47 -11.54 23.18
N ASN A 162 -0.89 -12.68 23.44
CA ASN A 162 0.16 -13.15 22.55
C ASN A 162 -0.27 -13.81 21.24
N GLY A 163 0.52 -13.61 20.19
CA GLY A 163 0.31 -14.24 18.90
C GLY A 163 -0.84 -13.59 18.13
N VAL A 164 -1.06 -12.31 18.39
CA VAL A 164 -2.08 -11.55 17.68
C VAL A 164 -1.58 -10.61 16.58
N LEU A 165 -1.95 -10.88 15.34
CA LEU A 165 -1.61 -10.03 14.19
C LEU A 165 -2.75 -9.10 13.67
N ASN A 166 -2.49 -7.80 13.65
CA ASN A 166 -3.47 -6.80 13.24
C ASN A 166 -3.06 -6.06 11.97
N SER A 167 -4.03 -5.71 11.14
CA SER A 167 -3.76 -5.05 9.90
C SER A 167 -5.02 -4.30 9.41
N TRP A 168 -4.83 -3.12 8.86
CA TRP A 168 -5.91 -2.19 8.46
C TRP A 168 -5.70 -1.85 6.99
N THR A 169 -6.79 -1.85 6.20
CA THR A 169 -6.73 -1.31 4.83
C THR A 169 -6.58 0.18 4.87
N ASP A 170 -6.20 0.81 3.77
CA ASP A 170 -6.29 2.27 3.63
C ASP A 170 -7.77 2.62 3.56
N GLN A 171 -8.11 3.87 3.87
CA GLN A 171 -9.45 4.34 3.68
C GLN A 171 -9.97 4.04 2.27
N ASP A 172 -11.12 3.39 2.22
CA ASP A 172 -11.82 3.11 0.98
C ASP A 172 -12.29 4.43 0.34
N SER A 173 -11.83 4.72 -0.87
CA SER A 173 -12.37 5.88 -1.60
C SER A 173 -13.82 5.65 -1.98
N LYS A 174 -14.21 4.40 -2.16
CA LYS A 174 -15.62 4.13 -2.46
C LYS A 174 -16.72 4.49 -1.41
N ASP A 175 -16.50 4.25 -0.09
CA ASP A 175 -17.44 4.70 0.98
C ASP A 175 -16.78 5.42 2.15
N SER A 176 -15.49 5.74 2.00
CA SER A 176 -14.75 6.46 3.01
C SER A 176 -14.63 5.74 4.33
N THR A 177 -14.71 4.42 4.33
CA THR A 177 -14.66 3.72 5.60
C THR A 177 -13.30 3.04 5.68
N TYR A 178 -13.05 2.43 6.84
CA TYR A 178 -11.89 1.59 7.04
C TYR A 178 -12.36 0.19 7.33
N SER A 179 -11.45 -0.75 7.10
CA SER A 179 -11.59 -2.13 7.50
C SER A 179 -10.37 -2.64 8.27
N MET A 180 -10.59 -3.66 9.07
CA MET A 180 -9.51 -4.22 9.85
C MET A 180 -9.53 -5.73 9.83
N SER A 181 -8.32 -6.30 9.94
CA SER A 181 -8.07 -7.71 10.11
C SER A 181 -7.23 -8.02 11.34
N SER A 182 -7.62 -9.07 12.05
CA SER A 182 -7.02 -9.45 13.31
C SER A 182 -6.90 -10.95 13.31
N THR A 183 -5.67 -11.40 13.55
CA THR A 183 -5.40 -12.81 13.56
C THR A 183 -4.74 -13.26 14.85
N LEU A 184 -5.35 -14.27 15.45
CA LEU A 184 -4.82 -14.90 16.63
C LEU A 184 -4.24 -16.25 16.23
N THR A 185 -2.93 -16.42 16.29
CA THR A 185 -2.44 -17.76 16.02
C THR A 185 -1.86 -18.47 17.20
N LEU A 186 -2.23 -19.74 17.30
CA LEU A 186 -1.76 -20.65 18.30
C LEU A 186 -1.24 -21.95 17.67
N THR A 187 -0.82 -22.90 18.49
CA THR A 187 -0.63 -24.26 17.99
C THR A 187 -1.94 -25.02 17.93
N LYS A 188 -2.03 -26.00 17.05
CA LYS A 188 -3.04 -27.04 17.14
C LYS A 188 -3.18 -27.51 18.58
N ASP A 189 -2.09 -27.97 19.18
CA ASP A 189 -2.26 -28.61 20.45
C ASP A 189 -2.87 -27.62 21.43
N GLU A 190 -2.48 -26.37 21.31
CA GLU A 190 -2.98 -25.32 22.20
C GLU A 190 -4.46 -25.01 21.96
N TYR A 191 -4.81 -24.77 20.71
CA TYR A 191 -6.18 -24.58 20.27
C TYR A 191 -7.14 -25.66 20.75
N GLU A 192 -6.76 -26.93 20.63
CA GLU A 192 -7.66 -28.01 21.03
C GLU A 192 -7.84 -28.05 22.54
N ARG A 193 -7.08 -27.24 23.25
CA ARG A 193 -7.08 -27.32 24.70
C ARG A 193 -8.16 -26.44 25.30
N HIS A 194 -8.83 -25.69 24.44
CA HIS A 194 -9.89 -24.78 24.88
C HIS A 194 -11.05 -24.77 23.87
N ASN A 195 -12.18 -24.20 24.29
CA ASN A 195 -13.42 -24.41 23.56
C ASN A 195 -14.04 -23.13 22.98
N SER A 196 -14.03 -22.04 23.75
CA SER A 196 -14.67 -20.80 23.31
C SER A 196 -13.69 -19.80 22.68
N TYR A 197 -14.06 -19.23 21.55
CA TYR A 197 -13.24 -18.21 20.92
C TYR A 197 -13.99 -16.93 20.53
N THR A 198 -13.57 -15.80 21.08
CA THR A 198 -14.31 -14.58 20.90
C THR A 198 -13.39 -13.51 20.31
N CYS A 199 -13.95 -12.75 19.37
CA CYS A 199 -13.33 -11.54 18.84
C CYS A 199 -14.10 -10.40 19.46
N GLU A 200 -13.42 -9.59 20.24
CA GLU A 200 -14.06 -8.53 21.04
C GLU A 200 -13.53 -7.12 20.70
N ALA A 201 -14.44 -6.28 20.24
CA ALA A 201 -14.06 -4.98 19.75
C ALA A 201 -14.79 -3.84 20.50
N THR A 202 -14.06 -2.76 20.75
CA THR A 202 -14.68 -1.51 21.14
C THR A 202 -14.53 -0.51 20.01
N HIS A 203 -15.64 0.13 19.69
CA HIS A 203 -15.62 1.21 18.70
C HIS A 203 -16.68 2.25 19.15
N LYS A 204 -16.64 3.49 18.63
CA LYS A 204 -17.58 4.49 19.15
C LYS A 204 -19.06 4.32 18.79
N THR A 205 -19.36 3.45 17.85
CA THR A 205 -20.76 3.28 17.44
C THR A 205 -21.59 2.35 18.34
N SER A 206 -20.99 1.84 19.41
CA SER A 206 -21.67 0.92 20.32
C SER A 206 -21.30 1.29 21.72
N THR A 207 -22.23 1.15 22.66
CA THR A 207 -21.94 1.40 24.05
C THR A 207 -21.43 0.09 24.61
N SER A 208 -21.50 -0.94 23.78
CA SER A 208 -21.13 -2.27 24.17
C SER A 208 -20.00 -2.90 23.41
N PRO A 209 -19.25 -3.75 24.10
CA PRO A 209 -18.29 -4.61 23.43
C PRO A 209 -18.91 -5.31 22.22
N ILE A 210 -18.41 -5.10 21.00
CA ILE A 210 -18.88 -5.94 19.88
C ILE A 210 -18.31 -7.37 19.78
N VAL A 211 -19.17 -8.37 19.93
CA VAL A 211 -18.73 -9.72 20.19
C VAL A 211 -19.05 -10.74 19.06
N LYS A 212 -18.03 -11.43 18.54
CA LYS A 212 -18.27 -12.61 17.73
C LYS A 212 -17.51 -13.77 18.26
N SER A 213 -18.18 -14.90 18.33
CA SER A 213 -17.55 -16.09 18.83
C SER A 213 -18.10 -17.40 18.32
N PHE A 214 -17.43 -18.46 18.71
CA PHE A 214 -17.81 -19.80 18.34
C PHE A 214 -17.16 -20.75 19.32
N ASN A 215 -17.66 -21.99 19.33
CA ASN A 215 -17.03 -23.07 20.05
C ASN A 215 -16.49 -24.14 19.09
N ARG A 216 -15.28 -24.61 19.39
CA ARG A 216 -14.68 -25.70 18.68
C ARG A 216 -15.59 -26.94 18.58
N ASN A 217 -16.77 -26.90 19.22
CA ASN A 217 -17.82 -27.88 18.93
C ASN A 217 -18.41 -27.77 17.51
N GLU B 1 -0.92 6.46 -25.48
CA GLU B 1 -0.77 6.52 -23.99
C GLU B 1 0.68 6.44 -23.56
N LEU B 2 1.08 7.40 -22.75
CA LEU B 2 2.37 7.35 -22.06
C LEU B 2 2.41 6.23 -21.03
N LYS B 3 3.48 5.44 -21.05
CA LYS B 3 3.59 4.24 -20.22
C LYS B 3 5.06 3.90 -19.95
N LEU B 4 5.32 3.49 -18.72
CA LEU B 4 6.64 3.12 -18.28
C LEU B 4 6.42 1.82 -17.52
N VAL B 5 7.24 0.81 -17.79
CA VAL B 5 7.11 -0.42 -17.04
C VAL B 5 8.45 -0.85 -16.46
N GLU B 6 8.49 -1.03 -15.13
CA GLU B 6 9.68 -1.45 -14.40
C GLU B 6 9.69 -2.95 -14.15
N THR B 7 10.85 -3.57 -14.34
CA THR B 7 11.01 -4.99 -14.08
C THR B 7 12.33 -5.21 -13.40
N GLY B 8 12.49 -6.33 -12.72
CA GLY B 8 13.78 -6.68 -12.17
C GLY B 8 13.85 -6.54 -10.67
N GLY B 9 12.83 -5.97 -10.05
CA GLY B 9 12.82 -5.98 -8.61
C GLY B 9 13.00 -7.38 -8.09
N ASP B 10 13.80 -7.52 -7.03
CA ASP B 10 13.95 -8.84 -6.40
C ASP B 10 14.46 -8.71 -4.94
N LEU B 11 14.62 -9.85 -4.31
CA LEU B 11 15.15 -9.91 -2.97
C LEU B 11 16.63 -10.12 -3.17
N VAL B 12 17.43 -9.31 -2.49
CA VAL B 12 18.86 -9.44 -2.60
C VAL B 12 19.48 -9.37 -1.22
N LYS B 13 20.49 -10.20 -1.01
CA LYS B 13 21.25 -10.14 0.20
C LYS B 13 22.02 -8.83 0.32
N PRO B 14 22.20 -8.39 1.54
CA PRO B 14 23.04 -7.24 1.81
C PRO B 14 24.42 -7.37 1.17
N GLY B 15 24.82 -6.32 0.46
CA GLY B 15 26.13 -6.29 -0.16
C GLY B 15 26.09 -6.70 -1.63
N GLY B 16 24.93 -7.14 -2.09
CA GLY B 16 24.84 -7.70 -3.43
C GLY B 16 24.34 -6.69 -4.43
N SER B 17 24.09 -7.15 -5.65
CA SER B 17 23.75 -6.28 -6.77
C SER B 17 22.42 -6.66 -7.44
N LEU B 18 21.89 -5.76 -8.25
CA LEU B 18 20.61 -5.94 -8.90
C LEU B 18 20.51 -4.93 -10.05
N THR B 19 19.94 -5.33 -11.18
CA THR B 19 19.64 -4.41 -12.25
C THR B 19 18.16 -4.19 -12.33
N LEU B 20 17.74 -2.94 -12.50
CA LEU B 20 16.32 -2.67 -12.67
C LEU B 20 16.20 -2.17 -14.09
N SER B 21 15.15 -2.55 -14.81
CA SER B 21 14.92 -1.90 -16.12
C SER B 21 13.53 -1.29 -16.19
N CYS B 22 13.42 -0.33 -17.11
CA CYS B 22 12.17 0.37 -17.36
C CYS B 22 11.96 0.73 -18.84
N GLU B 23 10.86 0.24 -19.39
CA GLU B 23 10.60 0.40 -20.81
C GLU B 23 9.63 1.54 -21.04
N ALA B 24 9.94 2.45 -21.96
CA ALA B 24 9.07 3.60 -22.19
C ALA B 24 8.16 3.30 -23.37
N SER B 25 6.92 3.76 -23.31
CA SER B 25 6.01 3.52 -24.42
C SER B 25 5.03 4.66 -24.54
N GLY B 26 4.82 5.08 -25.79
CA GLY B 26 3.96 6.20 -26.07
C GLY B 26 4.78 7.45 -26.31
N PHE B 27 6.10 7.28 -26.19
CA PHE B 27 7.01 8.40 -26.33
C PHE B 27 8.43 7.92 -26.45
N THR B 28 9.34 8.87 -26.71
CA THR B 28 10.75 8.59 -26.93
C THR B 28 11.57 9.15 -25.79
N LEU B 29 12.70 8.53 -25.49
CA LEU B 29 13.48 8.83 -24.27
C LEU B 29 14.50 9.93 -24.46
N ARG B 30 15.17 9.90 -25.64
CA ARG B 30 16.16 10.89 -26.05
C ARG B 30 15.85 12.17 -25.33
N THR B 31 14.68 12.70 -25.66
CA THR B 31 14.33 14.09 -25.43
C THR B 31 14.15 14.37 -23.96
N TYR B 32 13.35 13.53 -23.31
CA TYR B 32 12.80 13.89 -22.02
C TYR B 32 13.89 13.55 -20.99
N GLY B 33 13.76 14.04 -19.76
CA GLY B 33 14.62 13.55 -18.69
C GLY B 33 13.99 12.34 -18.03
N MET B 34 14.80 11.47 -17.44
CA MET B 34 14.42 10.13 -17.05
C MET B 34 14.98 9.84 -15.66
N SER B 35 14.13 9.36 -14.75
CA SER B 35 14.68 9.00 -13.43
C SER B 35 14.01 7.85 -12.67
N TRP B 36 14.77 7.33 -11.68
CA TRP B 36 14.28 6.46 -10.61
C TRP B 36 13.97 7.22 -9.32
N VAL B 37 12.72 7.14 -8.89
CA VAL B 37 12.28 7.57 -7.58
C VAL B 37 11.82 6.36 -6.82
N ARG B 38 12.06 6.36 -5.50
CA ARG B 38 11.74 5.25 -4.66
C ARG B 38 10.88 5.64 -3.45
N GLN B 39 10.08 4.68 -2.99
CA GLN B 39 9.26 4.85 -1.81
C GLN B 39 9.57 3.77 -0.76
N THR B 40 9.95 4.19 0.45
CA THR B 40 10.42 3.27 1.48
C THR B 40 9.20 2.69 2.09
N PRO B 41 9.40 1.68 2.90
CA PRO B 41 8.30 1.04 3.57
C PRO B 41 7.68 1.97 4.63
N GLN B 42 8.38 3.01 5.07
CA GLN B 42 7.74 4.05 5.91
C GLN B 42 7.05 5.13 5.10
N MET B 43 6.91 4.91 3.80
CA MET B 43 6.19 5.86 2.94
C MET B 43 6.89 7.19 2.75
N ARG B 44 8.21 7.16 2.75
CA ARG B 44 8.99 8.30 2.31
C ARG B 44 9.33 8.21 0.80
N LEU B 45 9.19 9.30 0.07
CA LEU B 45 9.68 9.34 -1.30
C LEU B 45 11.09 9.89 -1.39
N GLU B 46 11.97 9.26 -2.16
CA GLU B 46 13.34 9.77 -2.24
C GLU B 46 13.72 9.65 -3.66
N TRP B 47 14.08 10.77 -4.27
CA TRP B 47 14.68 10.76 -5.60
C TRP B 47 15.94 9.89 -5.57
N VAL B 48 16.13 9.08 -6.58
CA VAL B 48 17.32 8.25 -6.56
C VAL B 48 18.41 8.70 -7.50
N ALA B 49 18.09 8.84 -8.75
CA ALA B 49 19.11 9.22 -9.71
C ALA B 49 18.34 9.66 -10.93
N SER B 50 19.00 10.48 -11.75
CA SER B 50 18.39 11.07 -12.92
C SER B 50 19.40 11.10 -14.09
N ILE B 51 18.87 11.18 -15.30
CA ILE B 51 19.68 11.50 -16.46
C ILE B 51 18.88 12.39 -17.40
N SER B 52 19.51 13.48 -17.81
CA SER B 52 18.89 14.52 -18.61
C SER B 52 18.86 14.12 -20.08
N TYR B 53 18.19 14.95 -20.87
CA TYR B 53 18.07 14.71 -22.31
C TYR B 53 19.44 14.64 -22.94
N GLY B 54 20.41 15.28 -22.29
CA GLY B 54 21.77 15.35 -22.82
C GLY B 54 22.72 14.29 -22.26
N GLY B 55 22.21 13.41 -21.42
CA GLY B 55 23.04 12.34 -20.92
C GLY B 55 23.80 12.77 -19.69
N LEU B 56 23.55 14.00 -19.24
CA LEU B 56 24.04 14.40 -17.93
C LEU B 56 23.50 13.49 -16.82
N LEU B 57 24.38 13.18 -15.88
CA LEU B 57 24.07 12.30 -14.75
C LEU B 57 23.87 13.10 -13.46
N TYR B 58 22.74 12.84 -12.78
CA TYR B 58 22.52 13.27 -11.40
C TYR B 58 22.25 12.11 -10.36
N PHE B 59 23.00 12.11 -9.25
CA PHE B 59 22.78 11.08 -8.26
C PHE B 59 22.41 11.69 -6.91
N SER B 60 21.69 10.95 -6.08
CA SER B 60 21.52 11.34 -4.70
C SER B 60 22.69 10.85 -3.90
N ASP B 61 22.88 11.46 -2.74
CA ASP B 61 24.11 11.29 -1.99
C ASP B 61 24.25 9.86 -1.51
N SER B 62 23.15 9.17 -1.31
CA SER B 62 23.23 7.91 -0.61
C SER B 62 23.60 6.82 -1.60
N VAL B 63 23.51 7.14 -2.89
CA VAL B 63 23.58 6.14 -3.93
C VAL B 63 24.74 6.48 -4.92
N LYS B 64 25.26 7.69 -4.80
CA LYS B 64 26.40 8.09 -5.64
C LYS B 64 27.56 7.14 -5.35
N GLY B 65 28.06 6.47 -6.39
CA GLY B 65 29.13 5.48 -6.23
C GLY B 65 28.74 4.00 -6.05
N ARG B 66 27.45 3.71 -6.02
CA ARG B 66 27.02 2.32 -5.95
C ARG B 66 26.10 2.05 -7.14
N PHE B 67 25.21 2.99 -7.39
CA PHE B 67 24.19 2.83 -8.40
C PHE B 67 24.75 3.52 -9.64
N THR B 68 24.23 3.15 -10.81
CA THR B 68 24.49 3.81 -12.08
C THR B 68 23.16 3.78 -12.81
N ILE B 69 22.89 4.83 -13.56
CA ILE B 69 21.68 4.94 -14.35
C ILE B 69 22.17 5.03 -15.75
N SER B 70 21.30 4.62 -16.67
CA SER B 70 21.67 4.63 -18.06
C SER B 70 20.45 4.40 -18.92
N ARG B 71 20.56 4.82 -20.17
CA ARG B 71 19.41 4.72 -21.03
C ARG B 71 19.82 4.07 -22.34
N ASP B 72 18.82 3.57 -23.07
CA ASP B 72 19.03 3.11 -24.41
C ASP B 72 18.01 3.75 -25.30
N ILE B 73 18.37 4.87 -25.93
CA ILE B 73 17.44 5.62 -26.76
C ILE B 73 17.07 4.90 -28.03
N VAL B 74 17.76 3.82 -28.32
CA VAL B 74 17.36 2.97 -29.43
C VAL B 74 16.12 2.21 -28.97
N ARG B 75 16.31 1.32 -28.01
CA ARG B 75 15.23 0.50 -27.49
C ARG B 75 14.30 1.26 -26.50
N ASN B 76 14.72 2.41 -26.02
CA ASN B 76 13.89 3.20 -25.11
C ASN B 76 13.79 2.57 -23.73
N ILE B 77 14.97 2.24 -23.22
CA ILE B 77 15.11 1.56 -21.95
C ILE B 77 16.08 2.25 -20.98
N LEU B 78 15.56 2.51 -19.79
CA LEU B 78 16.29 3.10 -18.68
C LEU B 78 16.77 1.99 -17.78
N THR B 79 18.04 2.04 -17.40
CA THR B 79 18.58 1.07 -16.47
C THR B 79 19.08 1.67 -15.18
N LEU B 80 19.13 0.85 -14.12
CA LEU B 80 19.70 1.21 -12.85
C LEU B 80 20.53 0.06 -12.34
N GLN B 81 21.85 0.24 -12.30
CA GLN B 81 22.70 -0.83 -11.80
C GLN B 81 22.95 -0.51 -10.38
N MET B 82 22.47 -1.39 -9.52
CA MET B 82 22.56 -1.18 -8.10
C MET B 82 23.73 -2.02 -7.65
N SER B 83 24.56 -1.45 -6.79
CA SER B 83 25.64 -2.22 -6.17
C SER B 83 25.67 -1.97 -4.70
N ARG B 84 26.26 -2.93 -4.00
CA ARG B 84 26.59 -2.79 -2.61
C ARG B 84 25.33 -2.45 -1.88
N LEU B 85 24.28 -3.27 -2.08
CA LEU B 85 22.97 -2.92 -1.54
C LEU B 85 22.88 -2.93 -0.02
N ARG B 86 22.20 -1.93 0.53
CA ARG B 86 21.94 -1.94 1.95
C ARG B 86 20.45 -2.03 2.20
N SER B 87 20.15 -2.34 3.45
CA SER B 87 18.78 -2.50 3.91
C SER B 87 17.99 -1.19 3.67
N GLU B 88 18.65 -0.06 3.82
CA GLU B 88 18.06 1.22 3.51
C GLU B 88 17.64 1.22 2.03
N ASP B 89 18.17 0.34 1.22
CA ASP B 89 17.77 0.40 -0.18
C ASP B 89 16.43 -0.31 -0.42
N THR B 90 15.87 -0.93 0.61
CA THR B 90 14.63 -1.69 0.46
C THR B 90 13.53 -0.69 0.18
N ALA B 91 12.77 -0.90 -0.90
CA ALA B 91 11.79 0.09 -1.42
C ALA B 91 11.14 -0.44 -2.64
N ILE B 92 10.04 0.19 -3.02
CA ILE B 92 9.53 0.07 -4.38
C ILE B 92 10.20 1.12 -5.24
N TYR B 93 10.67 0.73 -6.41
CA TYR B 93 11.38 1.66 -7.26
C TYR B 93 10.51 2.01 -8.44
N TYR B 94 10.28 3.32 -8.61
CA TYR B 94 9.50 3.85 -9.70
C TYR B 94 10.45 4.54 -10.68
N CYS B 95 10.27 4.27 -11.96
CA CYS B 95 10.93 5.08 -12.94
C CYS B 95 9.91 6.12 -13.45
N ALA B 96 10.40 7.28 -13.87
CA ALA B 96 9.50 8.36 -14.25
C ALA B 96 10.21 9.27 -15.18
N ARG B 97 9.43 9.85 -16.08
CA ARG B 97 9.83 10.84 -17.08
C ARG B 97 9.64 12.26 -16.57
N GLY B 98 10.58 13.15 -16.91
CA GLY B 98 10.35 14.56 -16.84
C GLY B 98 10.50 15.34 -18.16
N THR B 99 9.79 16.45 -18.24
CA THR B 99 9.98 17.43 -19.30
C THR B 99 11.09 18.40 -18.94
N SER B 100 12.23 18.16 -19.54
CA SER B 100 13.40 18.99 -19.31
C SER B 100 13.13 20.48 -19.02
N PHE B 101 13.89 20.96 -18.04
CA PHE B 101 13.80 22.33 -17.56
C PHE B 101 12.40 22.81 -17.24
N VAL B 102 11.45 21.88 -17.26
CA VAL B 102 10.08 22.13 -16.90
C VAL B 102 9.54 21.40 -15.61
N ARG B 103 9.73 20.10 -15.51
CA ARG B 103 8.83 19.26 -14.71
C ARG B 103 9.61 17.99 -14.38
N TYR B 104 9.73 17.62 -13.11
CA TYR B 104 10.59 16.46 -12.81
C TYR B 104 10.00 15.07 -13.08
N PHE B 105 8.74 14.87 -12.69
CA PHE B 105 8.17 13.53 -12.79
C PHE B 105 6.73 13.57 -13.33
N ASP B 106 6.54 13.71 -14.63
CA ASP B 106 5.17 13.86 -15.08
C ASP B 106 4.59 12.53 -15.45
N VAL B 107 5.45 11.55 -15.72
CA VAL B 107 4.99 10.18 -15.88
C VAL B 107 5.67 9.16 -14.97
N TRP B 108 4.87 8.35 -14.31
CA TRP B 108 5.35 7.37 -13.31
C TRP B 108 4.95 5.95 -13.74
N GLY B 109 5.86 4.98 -13.62
CA GLY B 109 5.48 3.57 -13.75
C GLY B 109 4.76 3.03 -12.53
N ALA B 110 4.39 1.76 -12.61
CA ALA B 110 3.70 1.03 -11.55
C ALA B 110 4.64 0.65 -10.43
N GLY B 111 5.94 0.63 -10.72
CA GLY B 111 6.93 0.31 -9.70
C GLY B 111 7.39 -1.16 -9.63
N THR B 112 8.60 -1.38 -9.13
CA THR B 112 9.06 -2.76 -8.98
C THR B 112 9.73 -2.88 -7.63
N THR B 113 9.44 -3.98 -6.93
CA THR B 113 9.80 -4.05 -5.51
C THR B 113 11.19 -4.55 -5.32
N VAL B 114 11.94 -3.91 -4.43
CA VAL B 114 13.24 -4.41 -4.11
C VAL B 114 13.38 -4.65 -2.65
N THR B 115 13.89 -5.83 -2.30
CA THR B 115 14.08 -6.18 -0.90
C THR B 115 15.54 -6.61 -0.67
N VAL B 116 16.16 -6.00 0.32
CA VAL B 116 17.55 -6.27 0.60
C VAL B 116 17.52 -6.80 2.03
N SER B 117 17.78 -8.10 2.16
CA SER B 117 17.68 -8.82 3.43
C SER B 117 18.35 -10.22 3.38
N SER B 118 18.79 -10.75 4.53
CA SER B 118 19.32 -12.12 4.59
C SER B 118 18.22 -13.10 4.89
N ALA B 119 17.02 -12.64 5.18
CA ALA B 119 15.92 -13.59 5.30
C ALA B 119 15.78 -14.38 4.01
N LYS B 120 15.43 -15.64 4.17
CA LYS B 120 15.29 -16.58 3.10
C LYS B 120 13.87 -16.59 2.50
N THR B 121 13.79 -16.88 1.22
CA THR B 121 12.57 -16.94 0.44
C THR B 121 11.69 -18.09 0.96
N THR B 122 10.47 -17.77 1.38
CA THR B 122 9.57 -18.75 1.91
C THR B 122 8.21 -18.65 1.22
N ALA B 123 7.68 -19.78 0.76
CA ALA B 123 6.39 -19.83 0.09
C ALA B 123 5.26 -19.80 1.10
N PRO B 124 4.18 -19.16 0.76
CA PRO B 124 3.06 -18.94 1.70
C PRO B 124 2.21 -20.19 1.88
N SER B 125 1.53 -20.32 3.03
CA SER B 125 0.52 -21.33 3.12
C SER B 125 -0.76 -20.57 2.84
N VAL B 126 -1.66 -21.18 2.06
CA VAL B 126 -2.91 -20.50 1.72
C VAL B 126 -4.14 -21.24 2.29
N TYR B 127 -4.89 -20.57 3.15
CA TYR B 127 -6.03 -21.20 3.78
C TYR B 127 -7.33 -20.55 3.45
N PRO B 128 -8.33 -21.38 3.16
CA PRO B 128 -9.70 -20.95 2.84
C PRO B 128 -10.58 -20.77 4.08
N LEU B 129 -11.25 -19.62 4.25
CA LEU B 129 -11.97 -19.31 5.46
C LEU B 129 -13.47 -19.20 5.21
N ALA B 130 -14.21 -20.25 5.58
CA ALA B 130 -15.63 -20.27 5.48
C ALA B 130 -16.28 -19.86 6.81
N PRO B 131 -17.54 -19.41 6.72
CA PRO B 131 -18.24 -18.89 7.88
C PRO B 131 -18.41 -19.99 8.91
N VAL B 132 -18.71 -19.55 10.12
CA VAL B 132 -18.93 -20.42 11.25
C VAL B 132 -20.27 -21.10 11.13
N CYS B 133 -21.33 -20.32 11.02
CA CYS B 133 -22.67 -20.80 11.43
C CYS B 133 -23.69 -19.67 11.60
N GLY B 134 -23.23 -18.53 12.11
CA GLY B 134 -24.09 -17.37 12.21
C GLY B 134 -23.72 -16.37 11.14
N ASP B 135 -22.44 -16.31 10.80
CA ASP B 135 -21.98 -15.34 9.84
C ASP B 135 -22.35 -15.82 8.41
N THR B 136 -23.51 -16.48 8.30
CA THR B 136 -23.86 -17.37 7.19
C THR B 136 -25.40 -17.61 7.02
N THR B 137 -26.18 -17.00 7.92
CA THR B 137 -27.64 -17.15 7.92
C THR B 137 -28.29 -15.76 7.77
N GLY B 138 -27.82 -14.94 6.82
CA GLY B 138 -28.28 -13.56 6.71
C GLY B 138 -28.25 -12.96 5.31
N SER B 139 -28.64 -11.68 5.17
CA SER B 139 -28.64 -11.01 3.84
C SER B 139 -27.37 -11.31 3.03
N SER B 140 -26.25 -11.48 3.72
CA SER B 140 -24.95 -11.45 3.06
C SER B 140 -24.05 -12.46 3.71
N VAL B 141 -23.05 -12.89 2.97
CA VAL B 141 -22.06 -13.72 3.65
C VAL B 141 -20.68 -13.19 3.42
N THR B 142 -19.81 -13.44 4.41
CA THR B 142 -18.40 -13.04 4.31
C THR B 142 -17.47 -14.20 4.40
N LEU B 143 -16.55 -14.24 3.43
CA LEU B 143 -15.64 -15.36 3.32
C LEU B 143 -14.27 -14.77 3.44
N GLY B 144 -13.31 -15.57 3.87
CA GLY B 144 -11.96 -15.08 3.79
C GLY B 144 -10.89 -16.01 3.27
N CYS B 145 -9.67 -15.51 3.25
CA CYS B 145 -8.55 -16.23 2.75
C CYS B 145 -7.35 -15.76 3.58
N LEU B 146 -6.66 -16.70 4.19
CA LEU B 146 -5.47 -16.39 4.95
C LEU B 146 -4.23 -16.82 4.19
N VAL B 147 -3.31 -15.90 4.04
CA VAL B 147 -2.04 -16.19 3.39
C VAL B 147 -0.94 -16.02 4.41
N LYS B 148 -0.35 -17.14 4.82
CA LYS B 148 0.54 -17.14 5.94
C LYS B 148 1.96 -17.57 5.66
N GLY B 149 2.87 -16.84 6.30
CA GLY B 149 4.25 -17.24 6.38
C GLY B 149 5.09 -17.18 5.11
N TYR B 150 4.96 -16.09 4.35
CA TYR B 150 5.82 -15.91 3.18
C TYR B 150 6.89 -14.81 3.33
N PHE B 151 7.89 -14.87 2.46
CA PHE B 151 8.92 -13.82 2.29
C PHE B 151 9.53 -13.96 0.88
N PRO B 152 9.84 -12.87 0.21
CA PRO B 152 9.53 -11.51 0.63
C PRO B 152 8.20 -11.07 0.00
N GLU B 153 7.87 -9.79 0.11
CA GLU B 153 6.84 -9.20 -0.73
C GLU B 153 7.29 -9.19 -2.19
N PRO B 154 6.34 -9.14 -3.13
CA PRO B 154 4.90 -9.16 -2.81
C PRO B 154 4.16 -10.47 -3.02
N VAL B 155 2.86 -10.51 -2.66
CA VAL B 155 1.99 -11.55 -3.18
C VAL B 155 0.85 -10.94 -3.96
N THR B 156 0.32 -11.71 -4.89
CA THR B 156 -0.99 -11.37 -5.44
C THR B 156 -2.16 -12.23 -5.00
N LEU B 157 -3.29 -11.56 -4.79
CA LEU B 157 -4.53 -12.23 -4.38
C LEU B 157 -5.69 -11.67 -5.12
N THR B 158 -6.52 -12.55 -5.66
CA THR B 158 -7.78 -12.16 -6.28
C THR B 158 -8.79 -13.23 -5.92
N TRP B 159 -10.04 -12.94 -6.26
CA TRP B 159 -11.09 -13.92 -6.09
C TRP B 159 -11.73 -14.27 -7.42
N ASN B 160 -11.89 -15.56 -7.68
CA ASN B 160 -12.52 -16.01 -8.93
C ASN B 160 -11.70 -15.35 -10.00
N SER B 161 -10.39 -15.42 -9.78
CA SER B 161 -9.42 -14.93 -10.73
C SER B 161 -9.76 -13.52 -11.14
N GLY B 162 -10.21 -12.70 -10.21
CA GLY B 162 -10.33 -11.29 -10.51
C GLY B 162 -11.69 -10.84 -10.99
N SER B 163 -12.60 -11.75 -11.31
CA SER B 163 -13.94 -11.35 -11.77
C SER B 163 -14.74 -10.87 -10.57
N LEU B 164 -14.46 -11.43 -9.41
CA LEU B 164 -15.09 -10.96 -8.20
C LEU B 164 -14.20 -9.94 -7.50
N SER B 165 -14.62 -8.68 -7.50
CA SER B 165 -13.77 -7.60 -7.00
C SER B 165 -14.53 -6.60 -6.17
N SER B 166 -15.85 -6.64 -6.25
CA SER B 166 -16.62 -5.80 -5.35
C SER B 166 -16.77 -6.51 -4.02
N GLY B 167 -16.95 -5.75 -2.95
CA GLY B 167 -17.09 -6.37 -1.66
C GLY B 167 -15.79 -6.88 -1.03
N VAL B 168 -14.63 -6.54 -1.60
CA VAL B 168 -13.37 -7.17 -1.21
C VAL B 168 -12.56 -6.30 -0.30
N HIS B 169 -11.95 -6.89 0.71
CA HIS B 169 -10.91 -6.17 1.42
C HIS B 169 -9.69 -6.99 1.49
N THR B 170 -8.66 -6.47 0.87
CA THR B 170 -7.40 -7.15 0.93
C THR B 170 -6.44 -6.36 1.76
N PHE B 171 -5.95 -6.97 2.83
CA PHE B 171 -5.23 -6.26 3.87
C PHE B 171 -3.73 -6.25 3.59
N PRO B 172 -3.08 -5.16 3.92
CA PRO B 172 -1.64 -5.01 3.68
C PRO B 172 -0.98 -6.08 4.52
N ALA B 173 0.11 -6.64 4.02
CA ALA B 173 0.78 -7.70 4.72
C ALA B 173 1.43 -7.17 6.02
N VAL B 174 1.50 -7.99 7.06
CA VAL B 174 2.40 -7.61 8.13
C VAL B 174 3.54 -8.57 8.39
N LEU B 175 4.67 -8.01 8.78
CA LEU B 175 5.90 -8.79 8.80
C LEU B 175 6.09 -9.20 10.23
N GLN B 176 6.55 -10.45 10.43
CA GLN B 176 6.86 -11.04 11.75
C GLN B 176 8.13 -11.91 11.85
N SER B 177 9.19 -11.41 12.42
CA SER B 177 10.43 -12.21 12.48
C SER B 177 10.58 -12.88 11.10
N ASP B 178 10.75 -12.03 10.11
CA ASP B 178 11.13 -12.53 8.83
C ASP B 178 10.04 -13.29 8.07
N LEU B 179 8.79 -13.33 8.57
CA LEU B 179 7.68 -13.78 7.72
C LEU B 179 6.54 -12.81 7.60
N TYR B 180 5.96 -12.71 6.40
CA TYR B 180 4.80 -11.84 6.14
C TYR B 180 3.51 -12.62 6.25
N THR B 181 2.45 -12.01 6.73
CA THR B 181 1.17 -12.69 6.69
C THR B 181 0.18 -11.62 6.21
N LEU B 182 -0.80 -12.09 5.48
CA LEU B 182 -1.75 -11.20 4.79
C LEU B 182 -3.12 -11.93 4.74
N SER B 183 -4.20 -11.17 4.55
CA SER B 183 -5.55 -11.72 4.51
C SER B 183 -6.47 -10.92 3.58
N SER B 184 -7.59 -11.53 3.23
CA SER B 184 -8.61 -10.93 2.40
C SER B 184 -9.99 -11.48 2.76
N SER B 185 -10.96 -10.59 2.74
CA SER B 185 -12.35 -11.00 2.93
C SER B 185 -13.07 -10.59 1.70
N VAL B 186 -14.18 -11.27 1.41
CA VAL B 186 -15.02 -10.84 0.31
C VAL B 186 -16.44 -11.03 0.79
N THR B 187 -17.31 -10.06 0.49
CA THR B 187 -18.67 -10.13 0.98
C THR B 187 -19.72 -10.13 -0.12
N VAL B 188 -20.51 -11.18 -0.21
CA VAL B 188 -21.42 -11.31 -1.32
C VAL B 188 -22.78 -11.65 -0.75
N THR B 189 -23.81 -11.57 -1.60
CA THR B 189 -25.17 -11.84 -1.17
C THR B 189 -25.31 -13.28 -0.80
N SER B 190 -26.16 -13.51 0.18
CA SER B 190 -26.39 -14.86 0.64
C SER B 190 -26.87 -15.74 -0.50
N SER B 191 -27.39 -15.14 -1.57
CA SER B 191 -27.81 -15.94 -2.72
C SER B 191 -26.72 -16.00 -3.79
N THR B 192 -25.52 -15.57 -3.43
CA THR B 192 -24.41 -15.73 -4.34
C THR B 192 -23.70 -17.05 -4.02
N TRP B 193 -23.48 -17.30 -2.72
CA TRP B 193 -22.57 -18.34 -2.22
C TRP B 193 -23.29 -19.07 -1.12
N PRO B 194 -23.24 -20.41 -1.06
CA PRO B 194 -22.45 -21.29 -1.94
C PRO B 194 -23.07 -21.59 -3.32
N SER B 195 -24.19 -20.98 -3.62
CA SER B 195 -24.85 -21.37 -4.84
C SER B 195 -23.91 -21.28 -6.06
N GLN B 196 -23.14 -20.21 -6.19
CA GLN B 196 -21.96 -20.22 -7.08
C GLN B 196 -20.60 -20.51 -6.37
N SER B 197 -19.53 -20.53 -7.15
CA SER B 197 -18.16 -20.84 -6.68
C SER B 197 -17.40 -19.60 -6.25
N ILE B 198 -16.76 -19.62 -5.09
CA ILE B 198 -15.84 -18.56 -4.70
C ILE B 198 -14.48 -19.12 -4.40
N THR B 199 -13.45 -18.58 -5.04
CA THR B 199 -12.09 -19.13 -4.97
C THR B 199 -11.07 -18.01 -4.72
N CYS B 200 -10.17 -18.24 -3.78
CA CYS B 200 -9.03 -17.35 -3.49
C CYS B 200 -7.89 -17.74 -4.43
N ASN B 201 -7.33 -16.76 -5.14
CA ASN B 201 -6.18 -16.97 -6.05
C ASN B 201 -4.94 -16.25 -5.54
N VAL B 202 -3.90 -17.00 -5.21
CA VAL B 202 -2.74 -16.40 -4.62
C VAL B 202 -1.47 -16.68 -5.45
N ALA B 203 -0.71 -15.64 -5.75
CA ALA B 203 0.52 -15.86 -6.47
C ALA B 203 1.65 -15.21 -5.67
N HIS B 204 2.75 -15.95 -5.47
CA HIS B 204 3.97 -15.44 -4.88
C HIS B 204 5.13 -15.83 -5.79
N PRO B 205 5.42 -14.96 -6.75
CA PRO B 205 6.54 -15.12 -7.70
C PRO B 205 7.93 -15.49 -7.17
N ALA B 206 8.39 -14.82 -6.13
CA ALA B 206 9.70 -15.10 -5.58
C ALA B 206 9.86 -16.60 -5.23
N SER B 207 8.77 -17.22 -4.76
CA SER B 207 8.75 -18.68 -4.54
C SER B 207 8.14 -19.53 -5.66
N SER B 208 7.79 -18.89 -6.78
CA SER B 208 7.10 -19.59 -7.86
C SER B 208 5.88 -20.30 -7.30
N THR B 209 4.97 -19.55 -6.68
CA THR B 209 3.83 -20.13 -6.04
C THR B 209 2.56 -19.63 -6.63
N GLN B 210 1.80 -20.56 -7.16
CA GLN B 210 0.56 -20.18 -7.79
C GLN B 210 -0.45 -21.14 -7.27
N VAL B 211 -1.39 -20.63 -6.48
CA VAL B 211 -2.24 -21.58 -5.81
C VAL B 211 -3.66 -21.07 -5.61
N ASP B 212 -4.61 -21.99 -5.55
CA ASP B 212 -6.01 -21.58 -5.55
C ASP B 212 -6.70 -22.37 -4.44
N LYS B 213 -7.53 -21.69 -3.70
CA LYS B 213 -8.30 -22.36 -2.69
C LYS B 213 -9.73 -21.87 -2.79
N LYS B 214 -10.60 -22.85 -2.84
CA LYS B 214 -12.03 -22.65 -3.05
C LYS B 214 -12.61 -22.57 -1.65
N ILE B 215 -13.50 -21.63 -1.40
CA ILE B 215 -14.28 -21.70 -0.16
C ILE B 215 -15.36 -22.85 -0.18
N VAL B 216 -15.18 -23.86 0.66
CA VAL B 216 -16.12 -24.95 0.82
C VAL B 216 -16.86 -24.82 2.16
N PRO B 217 -18.19 -24.89 2.12
CA PRO B 217 -19.01 -24.82 3.32
C PRO B 217 -18.41 -25.70 4.40
N ARG B 218 -18.44 -25.22 5.62
CA ARG B 218 -17.76 -25.89 6.73
C ARG B 218 -18.71 -26.81 7.44
N ALA B 219 -18.44 -26.91 8.74
CA ALA B 219 -19.17 -27.79 9.64
C ALA B 219 -18.92 -29.28 9.35
N ALA B 220 -18.33 -29.97 10.32
CA ALA B 220 -18.33 -31.45 10.30
C ALA B 220 -19.73 -32.02 10.41
#